data_3APR
#
_entry.id   3APR
#
_cell.length_a   60.370
_cell.length_b   60.610
_cell.length_c   106.770
_cell.angle_alpha   90.00
_cell.angle_beta   90.00
_cell.angle_gamma   90.00
#
_symmetry.space_group_name_H-M   'P 21 21 21'
#
loop_
_entity.id
_entity.type
_entity.pdbx_description
1 polymer RHIZOPUSPEPSIN
2 polymer 'REDUCED PEPTIDE INHIBITOR'
3 water water
#
loop_
_entity_poly.entity_id
_entity_poly.type
_entity_poly.pdbx_seq_one_letter_code
_entity_poly.pdbx_strand_id
1 'polypeptide(L)'
;AGVGTVPMTDYGNDIEYYGQVTIGTPGKKFNLDFDTGSSDLWIASTLCTNCGSGQTKYDPNQSSTYQADGRTWSISYGDG
SSASGILAKDNVNLGGLLIKGQTIELAKREAASFASGPNDGLLGLGFDTITTVRGVKTPMDNLISQGLISRPIFGVYLGK
AKNGGGGEYIFGGYDSTKFKGSLTTVPIDNSRGWWGITVDRATVGTSTVASSFDGILDTGTTLLILPNNIAASVARAYGA
SDNGDGTYTISCDTSAFKPLVFSINGASFQVSPDSLVFEEFQGQCIAGFGYGNWGFAIIGDTFLKNNYVVFNQGVPEVQI
APVAE
;
E
2 'polypeptide(L)' (DHI)PFH(PUK)VY I
#
# COMPACT_ATOMS: atom_id res chain seq x y z
N ALA A 1 -9.60 -19.77 3.63
CA ALA A 1 -8.36 -19.13 4.13
C ALA A 1 -8.50 -19.07 5.65
N GLY A 2 -7.37 -19.05 6.33
CA GLY A 2 -7.32 -18.99 7.80
C GLY A 2 -8.03 -17.75 8.30
N VAL A 3 -8.15 -17.66 9.62
CA VAL A 3 -8.82 -16.52 10.26
C VAL A 3 -8.01 -15.24 10.04
N GLY A 4 -8.66 -14.18 9.59
CA GLY A 4 -7.95 -12.92 9.36
C GLY A 4 -7.07 -12.94 8.12
N THR A 5 -7.19 -13.94 7.26
CA THR A 5 -6.38 -14.04 6.05
C THR A 5 -7.11 -13.47 4.86
N VAL A 6 -6.48 -12.55 4.14
CA VAL A 6 -7.12 -11.97 2.98
C VAL A 6 -6.26 -12.15 1.73
N PRO A 7 -6.65 -13.02 0.82
CA PRO A 7 -5.93 -13.26 -0.44
C PRO A 7 -6.02 -11.97 -1.26
N MET A 8 -4.95 -11.56 -1.92
CA MET A 8 -4.98 -10.33 -2.70
C MET A 8 -4.91 -10.64 -4.18
N THR A 9 -5.32 -9.68 -4.97
CA THR A 9 -5.26 -9.71 -6.43
C THR A 9 -4.23 -8.65 -6.84
N ASP A 10 -3.31 -9.05 -7.68
CA ASP A 10 -2.25 -8.17 -8.21
C ASP A 10 -2.85 -7.59 -9.51
N TYR A 11 -3.03 -6.29 -9.56
CA TYR A 11 -3.59 -5.64 -10.75
C TYR A 11 -2.51 -5.29 -11.76
N GLY A 12 -2.62 -5.76 -13.00
CA GLY A 12 -1.61 -5.46 -14.02
C GLY A 12 -0.20 -5.87 -13.62
N ASN A 13 0.78 -5.10 -14.03
CA ASN A 13 2.19 -5.39 -13.72
C ASN A 13 2.60 -4.85 -12.36
N ASP A 14 2.00 -5.40 -11.32
CA ASP A 14 2.31 -4.98 -9.94
C ASP A 14 1.96 -3.53 -9.69
N ILE A 15 0.83 -3.09 -10.25
CA ILE A 15 0.39 -1.71 -10.07
C ILE A 15 -0.13 -1.47 -8.65
N GLU A 16 -0.95 -2.39 -8.19
CA GLU A 16 -1.55 -2.31 -6.86
C GLU A 16 -2.09 -3.71 -6.52
N TYR A 17 -2.50 -3.86 -5.29
CA TYR A 17 -3.01 -5.13 -4.76
C TYR A 17 -4.29 -4.87 -3.98
N TYR A 18 -5.34 -5.56 -4.39
CA TYR A 18 -6.64 -5.37 -3.68
C TYR A 18 -7.17 -6.69 -3.14
N GLY A 19 -7.99 -6.59 -2.10
CA GLY A 19 -8.60 -7.77 -1.47
C GLY A 19 -10.12 -7.51 -1.31
N GLN A 20 -10.85 -8.56 -1.08
CA GLN A 20 -12.31 -8.50 -0.88
C GLN A 20 -12.65 -8.29 0.59
N VAL A 21 -13.56 -7.37 0.79
CA VAL A 21 -14.01 -7.01 2.15
C VAL A 21 -15.54 -7.00 2.08
N THR A 22 -16.20 -7.56 3.06
CA THR A 22 -17.68 -7.59 3.06
C THR A 22 -18.18 -6.49 3.99
N ILE A 23 -19.07 -5.66 3.48
CA ILE A 23 -19.62 -4.57 4.30
C ILE A 23 -21.16 -4.64 4.34
N GLY A 24 -21.71 -4.45 5.53
CA GLY A 24 -23.19 -4.47 5.65
C GLY A 24 -23.78 -5.78 6.08
N THR A 25 -25.10 -5.74 6.21
CA THR A 25 -25.91 -6.91 6.63
C THR A 25 -27.08 -7.01 5.64
N PRO A 26 -27.20 -8.09 4.88
CA PRO A 26 -26.34 -9.27 4.86
C PRO A 26 -24.97 -9.01 4.29
N GLY A 27 -24.76 -7.93 3.58
CA GLY A 27 -23.42 -7.65 3.07
C GLY A 27 -23.12 -7.96 1.64
N LYS A 28 -22.32 -7.08 1.07
CA LYS A 28 -21.81 -7.08 -0.29
C LYS A 28 -20.26 -7.14 -0.20
N LYS A 29 -19.65 -7.71 -1.22
CA LYS A 29 -18.20 -7.83 -1.33
C LYS A 29 -17.70 -6.65 -2.17
N PHE A 30 -16.64 -6.06 -1.66
CA PHE A 30 -16.01 -4.90 -2.28
C PHE A 30 -14.51 -5.18 -2.47
N ASN A 31 -13.99 -4.66 -3.56
CA ASN A 31 -12.55 -4.83 -3.83
C ASN A 31 -11.89 -3.55 -3.32
N LEU A 32 -11.13 -3.65 -2.25
CA LEU A 32 -10.47 -2.45 -1.73
C LEU A 32 -8.94 -2.56 -1.88
N ASP A 33 -8.36 -1.44 -2.22
CA ASP A 33 -6.89 -1.29 -2.34
C ASP A 33 -6.40 -1.22 -0.89
N PHE A 34 -5.47 -2.02 -0.42
CA PHE A 34 -4.96 -2.00 0.97
C PHE A 34 -3.80 -1.03 0.96
N ASP A 35 -4.01 0.09 1.63
CA ASP A 35 -3.05 1.19 1.65
C ASP A 35 -2.42 1.59 2.97
N THR A 36 -1.15 1.25 3.17
CA THR A 36 -0.49 1.65 4.42
C THR A 36 -0.11 3.12 4.44
N GLY A 37 -0.35 3.83 3.33
CA GLY A 37 0.00 5.26 3.27
C GLY A 37 -1.16 6.18 3.63
N SER A 38 -2.33 5.63 3.97
CA SER A 38 -3.51 6.46 4.30
C SER A 38 -4.34 5.78 5.39
N SER A 39 -5.32 6.48 5.96
CA SER A 39 -6.07 5.91 7.07
C SER A 39 -7.59 6.05 7.00
N ASP A 40 -8.10 6.22 5.81
CA ASP A 40 -9.57 6.35 5.60
C ASP A 40 -10.08 5.09 4.87
N LEU A 41 -11.23 4.58 5.29
CA LEU A 41 -11.86 3.44 4.62
C LEU A 41 -13.00 4.08 3.81
N TRP A 42 -12.87 4.20 2.51
CA TRP A 42 -13.95 4.81 1.72
C TRP A 42 -14.35 3.84 0.60
N ILE A 43 -15.62 3.94 0.19
CA ILE A 43 -16.17 3.07 -0.85
C ILE A 43 -17.18 3.85 -1.72
N ALA A 44 -17.21 3.43 -2.96
CA ALA A 44 -18.15 3.96 -3.97
C ALA A 44 -19.54 3.65 -3.40
N SER A 45 -20.53 4.53 -3.61
CA SER A 45 -21.87 4.29 -3.04
C SER A 45 -22.95 4.67 -4.04
N THR A 46 -24.20 4.35 -3.72
CA THR A 46 -25.27 4.73 -4.68
C THR A 46 -25.56 6.21 -4.57
N LEU A 47 -24.85 6.95 -3.74
CA LEU A 47 -25.05 8.40 -3.63
C LEU A 47 -24.09 9.06 -4.62
N CYS A 48 -23.21 8.30 -5.21
CA CYS A 48 -22.19 8.81 -6.13
C CYS A 48 -22.73 9.16 -7.51
N THR A 49 -22.36 10.35 -7.95
CA THR A 49 -22.84 10.82 -9.25
C THR A 49 -21.80 10.84 -10.34
N ASN A 50 -20.59 10.40 -10.09
CA ASN A 50 -19.57 10.38 -11.17
C ASN A 50 -18.69 9.12 -11.01
N CYS A 51 -19.23 8.10 -10.41
CA CYS A 51 -18.55 6.81 -10.16
C CYS A 51 -18.62 5.92 -11.39
N GLY A 52 -17.77 4.90 -11.40
CA GLY A 52 -17.65 3.96 -12.53
C GLY A 52 -18.81 2.98 -12.58
N SER A 53 -19.27 2.65 -13.79
CA SER A 53 -20.38 1.68 -13.89
C SER A 53 -19.88 0.30 -13.47
N GLY A 54 -18.57 0.13 -13.55
CA GLY A 54 -17.96 -1.15 -13.16
C GLY A 54 -17.77 -1.26 -11.66
N GLN A 55 -17.74 -0.18 -10.89
CA GLN A 55 -17.53 -0.35 -9.44
C GLN A 55 -18.76 -0.92 -8.75
N THR A 56 -18.49 -1.68 -7.70
CA THR A 56 -19.57 -2.24 -6.86
C THR A 56 -19.88 -1.08 -5.89
N LYS A 57 -21.15 -0.71 -5.77
CA LYS A 57 -21.52 0.40 -4.90
C LYS A 57 -22.30 0.02 -3.67
N TYR A 58 -21.83 0.59 -2.56
CA TYR A 58 -22.49 0.36 -1.29
C TYR A 58 -23.85 1.07 -1.34
N ASP A 59 -24.87 0.36 -0.94
CA ASP A 59 -26.26 0.87 -0.92
C ASP A 59 -26.77 0.83 0.52
N PRO A 60 -26.86 1.97 1.18
CA PRO A 60 -27.34 2.04 2.57
C PRO A 60 -28.67 1.32 2.78
N ASN A 61 -29.55 1.45 1.80
CA ASN A 61 -30.91 0.87 1.86
C ASN A 61 -30.91 -0.64 1.94
N GLN A 62 -29.85 -1.25 1.46
CA GLN A 62 -29.77 -2.71 1.50
C GLN A 62 -28.99 -3.26 2.69
N SER A 63 -28.61 -2.42 3.63
CA SER A 63 -27.90 -2.93 4.81
C SER A 63 -28.76 -2.63 6.02
N SER A 64 -29.17 -3.64 6.74
CA SER A 64 -30.00 -3.41 7.92
C SER A 64 -29.14 -2.86 9.08
N THR A 65 -27.83 -2.82 8.95
CA THR A 65 -26.97 -2.29 10.03
C THR A 65 -26.40 -0.92 9.68
N TYR A 66 -26.91 -0.31 8.63
CA TYR A 66 -26.44 1.02 8.23
C TYR A 66 -26.92 2.02 9.29
N GLN A 67 -26.09 2.93 9.68
CA GLN A 67 -26.43 4.00 10.64
C GLN A 67 -25.92 5.31 10.03
N ALA A 68 -26.80 6.26 9.81
CA ALA A 68 -26.46 7.57 9.24
C ALA A 68 -25.58 8.38 10.18
N ASP A 69 -24.82 9.28 9.62
CA ASP A 69 -23.89 10.19 10.31
C ASP A 69 -23.97 11.55 9.61
N GLY A 70 -23.97 12.60 10.40
CA GLY A 70 -24.07 13.92 9.79
C GLY A 70 -22.76 14.48 9.27
N ARG A 71 -21.63 13.79 9.32
CA ARG A 71 -20.37 14.43 8.87
C ARG A 71 -20.03 14.14 7.43
N THR A 72 -19.21 15.02 6.88
CA THR A 72 -18.76 14.87 5.51
C THR A 72 -17.25 14.63 5.51
N TRP A 73 -16.70 14.16 4.40
CA TRP A 73 -15.24 13.91 4.33
C TRP A 73 -14.80 14.26 2.92
N SER A 74 -13.51 14.49 2.80
CA SER A 74 -12.85 14.79 1.54
C SER A 74 -11.40 14.32 1.67
N ILE A 75 -10.85 13.74 0.64
CA ILE A 75 -9.46 13.27 0.67
C ILE A 75 -8.77 13.57 -0.65
N SER A 76 -7.46 13.73 -0.56
CA SER A 76 -6.61 14.00 -1.71
C SER A 76 -5.30 13.24 -1.48
N TYR A 77 -5.01 12.33 -2.38
CA TYR A 77 -3.81 11.50 -2.28
C TYR A 77 -2.60 12.20 -2.89
N GLY A 78 -1.47 11.55 -2.68
CA GLY A 78 -0.16 12.02 -3.16
C GLY A 78 -0.15 12.40 -4.62
N ASP A 79 -0.87 11.71 -5.49
CA ASP A 79 -0.90 11.99 -6.94
C ASP A 79 -2.05 12.92 -7.31
N GLY A 80 -2.65 13.56 -6.33
CA GLY A 80 -3.78 14.46 -6.61
C GLY A 80 -5.12 13.77 -6.81
N SER A 81 -5.23 12.46 -6.82
CA SER A 81 -6.55 11.82 -7.00
C SER A 81 -7.36 12.17 -5.74
N SER A 82 -8.68 12.27 -5.85
CA SER A 82 -9.49 12.64 -4.69
C SER A 82 -10.86 11.98 -4.71
N ALA A 83 -11.58 12.16 -3.62
CA ALA A 83 -12.93 11.61 -3.43
C ALA A 83 -13.57 12.37 -2.27
N SER A 84 -14.89 12.35 -2.19
CA SER A 84 -15.52 13.08 -1.07
C SER A 84 -16.90 12.47 -0.86
N GLY A 85 -17.51 12.74 0.28
CA GLY A 85 -18.84 12.16 0.50
C GLY A 85 -19.26 12.38 1.94
N ILE A 86 -20.01 11.41 2.45
CA ILE A 86 -20.49 11.48 3.82
C ILE A 86 -20.04 10.28 4.65
N LEU A 87 -20.01 10.40 5.96
CA LEU A 87 -19.65 9.31 6.85
C LEU A 87 -20.90 8.47 7.13
N ALA A 88 -20.69 7.26 7.61
CA ALA A 88 -21.75 6.30 7.97
C ALA A 88 -21.11 5.29 8.92
N LYS A 89 -21.90 4.36 9.41
CA LYS A 89 -21.39 3.33 10.31
C LYS A 89 -21.99 2.02 9.87
N ASP A 90 -21.21 0.96 9.83
CA ASP A 90 -21.75 -0.35 9.42
C ASP A 90 -20.72 -1.40 9.85
N ASN A 91 -21.04 -2.66 9.61
CA ASN A 91 -20.10 -3.73 10.01
C ASN A 91 -19.22 -4.08 8.82
N VAL A 92 -17.98 -4.40 9.11
CA VAL A 92 -17.00 -4.74 8.07
C VAL A 92 -16.37 -6.09 8.42
N ASN A 93 -16.41 -6.98 7.45
CA ASN A 93 -15.83 -8.34 7.67
C ASN A 93 -14.51 -8.41 6.90
N LEU A 94 -13.43 -8.50 7.64
CA LEU A 94 -12.06 -8.55 7.10
C LEU A 94 -11.50 -9.94 7.32
N GLY A 95 -11.49 -10.77 6.29
CA GLY A 95 -10.95 -12.13 6.46
C GLY A 95 -11.64 -12.94 7.55
N GLY A 96 -12.94 -12.77 7.76
CA GLY A 96 -13.67 -13.50 8.79
C GLY A 96 -13.73 -12.77 10.12
N LEU A 97 -13.08 -11.64 10.25
CA LEU A 97 -13.10 -10.85 11.50
C LEU A 97 -14.22 -9.82 11.33
N LEU A 98 -15.26 -9.93 12.15
CA LEU A 98 -16.35 -8.97 11.96
C LEU A 98 -16.17 -7.73 12.83
N ILE A 99 -15.78 -6.64 12.20
CA ILE A 99 -15.62 -5.37 12.94
C ILE A 99 -17.01 -4.78 13.09
N LYS A 100 -17.49 -4.57 14.29
CA LYS A 100 -18.83 -3.99 14.42
C LYS A 100 -18.76 -2.49 14.54
N GLY A 101 -19.65 -1.82 13.85
CA GLY A 101 -19.74 -0.37 13.92
C GLY A 101 -18.55 0.44 13.49
N GLN A 102 -17.94 0.03 12.40
CA GLN A 102 -16.79 0.72 11.79
C GLN A 102 -17.26 2.00 11.10
N THR A 103 -16.51 3.09 11.22
CA THR A 103 -16.87 4.31 10.49
C THR A 103 -16.45 4.06 9.03
N ILE A 104 -17.37 4.14 8.08
CA ILE A 104 -17.08 3.95 6.66
C ILE A 104 -17.38 5.28 5.98
N GLU A 105 -16.73 5.58 4.89
CA GLU A 105 -16.92 6.86 4.18
C GLU A 105 -17.49 6.57 2.81
N LEU A 106 -18.71 7.01 2.57
CA LEU A 106 -19.39 6.77 1.29
C LEU A 106 -19.10 7.89 0.30
N ALA A 107 -18.59 7.55 -0.85
CA ALA A 107 -18.29 8.57 -1.86
C ALA A 107 -19.57 9.06 -2.56
N LYS A 108 -19.58 10.35 -2.76
CA LYS A 108 -20.62 11.08 -3.49
C LYS A 108 -19.98 11.52 -4.81
N ARG A 109 -18.66 11.72 -4.78
CA ARG A 109 -17.85 12.12 -5.92
C ARG A 109 -16.46 11.50 -5.84
N GLU A 110 -15.90 11.14 -6.99
CA GLU A 110 -14.52 10.59 -7.01
C GLU A 110 -13.84 11.01 -8.30
N ALA A 111 -12.53 11.02 -8.30
CA ALA A 111 -11.73 11.40 -9.48
C ALA A 111 -11.91 10.32 -10.55
N ALA A 112 -11.79 10.77 -11.80
CA ALA A 112 -11.95 9.87 -12.95
C ALA A 112 -11.04 8.65 -12.83
N SER A 113 -9.85 8.82 -12.29
CA SER A 113 -8.90 7.71 -12.13
C SER A 113 -9.47 6.62 -11.22
N PHE A 114 -10.34 7.00 -10.30
CA PHE A 114 -10.91 5.98 -9.41
C PHE A 114 -12.05 5.31 -10.20
N ALA A 115 -12.75 6.11 -10.97
CA ALA A 115 -13.90 5.61 -11.75
C ALA A 115 -13.51 4.54 -12.75
N SER A 116 -12.32 4.64 -13.28
CA SER A 116 -11.75 3.73 -14.26
C SER A 116 -10.79 2.68 -13.75
N GLY A 117 -10.51 2.64 -12.46
CA GLY A 117 -9.57 1.64 -11.89
C GLY A 117 -10.35 0.41 -11.47
N PRO A 118 -9.63 -0.52 -10.87
CA PRO A 118 -10.23 -1.77 -10.42
C PRO A 118 -10.81 -1.77 -9.02
N ASN A 119 -10.60 -0.71 -8.27
CA ASN A 119 -11.03 -0.55 -6.89
C ASN A 119 -12.44 -0.05 -6.68
N ASP A 120 -13.04 -0.53 -5.64
CA ASP A 120 -14.38 -0.06 -5.23
C ASP A 120 -14.15 1.01 -4.15
N GLY A 121 -12.91 1.07 -3.68
CA GLY A 121 -12.54 2.04 -2.64
C GLY A 121 -11.20 1.66 -2.04
N LEU A 122 -10.82 2.23 -0.92
CA LEU A 122 -9.54 1.99 -0.25
C LEU A 122 -9.75 1.68 1.22
N LEU A 123 -8.83 0.88 1.75
CA LEU A 123 -8.82 0.48 3.17
C LEU A 123 -7.50 1.10 3.68
N GLY A 124 -7.58 2.08 4.54
CA GLY A 124 -6.37 2.71 5.07
C GLY A 124 -5.75 1.95 6.25
N LEU A 125 -4.46 1.68 6.17
CA LEU A 125 -3.73 0.95 7.22
C LEU A 125 -2.60 1.80 7.83
N GLY A 126 -2.71 3.11 7.66
CA GLY A 126 -1.71 4.03 8.26
C GLY A 126 -2.20 4.26 9.70
N PHE A 127 -1.59 5.20 10.41
CA PHE A 127 -1.96 5.49 11.81
C PHE A 127 -3.16 6.41 11.90
N ASP A 128 -3.89 6.37 12.99
CA ASP A 128 -5.12 7.18 13.13
C ASP A 128 -4.88 8.68 13.24
N THR A 129 -3.63 9.12 13.34
CA THR A 129 -3.37 10.57 13.39
C THR A 129 -3.58 11.24 12.06
N ILE A 130 -3.76 10.50 10.98
CA ILE A 130 -3.98 11.08 9.67
C ILE A 130 -5.33 10.72 9.05
N THR A 131 -6.30 10.30 9.85
CA THR A 131 -7.64 10.05 9.29
C THR A 131 -8.09 11.44 8.84
N THR A 132 -8.86 11.61 7.80
CA THR A 132 -9.26 12.99 7.41
C THR A 132 -10.29 13.57 8.37
N VAL A 133 -11.04 12.79 9.10
CA VAL A 133 -12.04 13.28 10.05
C VAL A 133 -11.54 12.94 11.44
N ARG A 134 -11.46 13.92 12.33
CA ARG A 134 -10.98 13.66 13.69
C ARG A 134 -11.93 12.77 14.48
N GLY A 135 -11.42 11.84 15.23
CA GLY A 135 -12.20 10.93 16.06
C GLY A 135 -12.54 9.62 15.39
N VAL A 136 -12.14 9.46 14.14
CA VAL A 136 -12.43 8.20 13.42
C VAL A 136 -11.45 7.11 13.83
N LYS A 137 -12.00 6.00 14.29
CA LYS A 137 -11.10 4.88 14.67
C LYS A 137 -10.90 4.02 13.40
N THR A 138 -9.66 3.70 13.09
CA THR A 138 -9.35 2.90 11.90
C THR A 138 -9.68 1.44 12.10
N PRO A 139 -9.75 0.63 11.04
CA PRO A 139 -10.04 -0.80 11.17
C PRO A 139 -9.04 -1.44 12.12
N MET A 140 -7.75 -1.12 12.06
CA MET A 140 -6.76 -1.75 12.96
C MET A 140 -7.08 -1.35 14.40
N ASP A 141 -7.43 -0.09 14.58
CA ASP A 141 -7.77 0.32 15.96
C ASP A 141 -8.92 -0.56 16.49
N ASN A 142 -9.94 -0.80 15.67
CA ASN A 142 -11.13 -1.58 16.07
C ASN A 142 -10.82 -3.06 16.20
N LEU A 143 -9.95 -3.61 15.37
CA LEU A 143 -9.60 -5.03 15.51
C LEU A 143 -8.98 -5.24 16.90
N ILE A 144 -8.14 -4.30 17.29
CA ILE A 144 -7.48 -4.40 18.60
C ILE A 144 -8.50 -4.21 19.73
N SER A 145 -9.22 -3.11 19.68
CA SER A 145 -10.15 -2.86 20.80
C SER A 145 -11.29 -3.84 20.85
N GLN A 146 -11.72 -4.49 19.79
CA GLN A 146 -12.81 -5.46 19.86
C GLN A 146 -12.28 -6.85 20.16
N GLY A 147 -10.98 -6.93 20.31
CA GLY A 147 -10.31 -8.20 20.61
C GLY A 147 -10.27 -9.17 19.44
N LEU A 148 -10.41 -8.72 18.23
CA LEU A 148 -10.39 -9.55 17.02
C LEU A 148 -8.98 -10.08 16.65
N ILE A 149 -7.93 -9.44 17.14
CA ILE A 149 -6.55 -9.87 16.89
C ILE A 149 -5.93 -9.88 18.29
N SER A 150 -5.03 -10.80 18.54
CA SER A 150 -4.43 -10.80 19.90
C SER A 150 -3.08 -10.10 19.86
N ARG A 151 -2.51 -9.87 18.71
CA ARG A 151 -1.22 -9.15 18.58
C ARG A 151 -1.55 -8.04 17.57
N PRO A 152 -1.11 -6.84 17.83
CA PRO A 152 -1.44 -5.70 16.96
C PRO A 152 -0.62 -5.65 15.68
N ILE A 153 -0.64 -6.75 14.95
CA ILE A 153 0.13 -6.87 13.72
C ILE A 153 -0.62 -7.37 12.49
N PHE A 154 -0.01 -7.17 11.33
CA PHE A 154 -0.55 -7.67 10.07
C PHE A 154 0.69 -8.06 9.23
N GLY A 155 0.65 -9.25 8.63
CA GLY A 155 1.79 -9.71 7.80
C GLY A 155 1.38 -9.47 6.35
N VAL A 156 2.31 -8.94 5.57
CA VAL A 156 2.08 -8.61 4.17
C VAL A 156 3.03 -9.25 3.17
N TYR A 157 2.40 -9.98 2.27
CA TYR A 157 3.08 -10.65 1.14
C TYR A 157 2.47 -10.08 -0.15
N LEU A 158 3.27 -9.49 -1.00
CA LEU A 158 2.84 -8.93 -2.29
C LEU A 158 3.52 -9.81 -3.35
N GLY A 159 2.74 -10.38 -4.25
CA GLY A 159 3.37 -11.24 -5.27
C GLY A 159 3.86 -10.42 -6.47
N LYS A 160 4.55 -11.12 -7.35
CA LYS A 160 5.06 -10.53 -8.59
C LYS A 160 4.22 -11.10 -9.75
N ALA A 161 3.76 -10.25 -10.61
CA ALA A 161 2.96 -10.65 -11.78
C ALA A 161 3.81 -11.65 -12.58
N LYS A 162 5.12 -11.42 -12.64
CA LYS A 162 5.98 -12.37 -13.40
C LYS A 162 5.92 -13.78 -12.82
N ASN A 163 5.61 -13.92 -11.55
CA ASN A 163 5.53 -15.23 -10.92
C ASN A 163 4.09 -15.64 -10.68
N GLY A 164 3.12 -15.05 -11.36
CA GLY A 164 1.73 -15.49 -11.05
C GLY A 164 0.86 -14.51 -10.27
N GLY A 165 1.44 -13.44 -9.75
CA GLY A 165 0.68 -12.43 -9.01
C GLY A 165 0.32 -12.88 -7.60
N GLY A 166 -0.86 -12.45 -7.19
CA GLY A 166 -1.33 -12.81 -5.86
C GLY A 166 -0.69 -11.89 -4.81
N GLY A 167 -0.91 -12.33 -3.59
CA GLY A 167 -0.44 -11.64 -2.39
C GLY A 167 -1.40 -12.09 -1.29
N GLU A 168 -0.98 -11.72 -0.08
CA GLU A 168 -1.81 -12.09 1.07
C GLU A 168 -1.54 -11.26 2.28
N TYR A 169 -2.62 -10.79 2.91
CA TYR A 169 -2.49 -10.03 4.14
C TYR A 169 -3.05 -10.95 5.26
N ILE A 170 -2.39 -10.97 6.39
CA ILE A 170 -2.85 -11.76 7.54
C ILE A 170 -2.98 -10.80 8.73
N PHE A 171 -4.22 -10.61 9.18
CA PHE A 171 -4.44 -9.70 10.31
C PHE A 171 -4.29 -10.48 11.61
N GLY A 172 -3.32 -10.14 12.42
CA GLY A 172 -3.09 -10.77 13.71
C GLY A 172 -2.03 -11.84 13.63
N GLY A 173 -1.36 -12.01 12.50
CA GLY A 173 -0.30 -13.07 12.43
C GLY A 173 0.53 -12.87 11.16
N TYR A 174 1.41 -13.81 10.91
CA TYR A 174 2.26 -13.78 9.70
C TYR A 174 2.53 -15.23 9.25
N ASP A 175 3.02 -15.34 8.03
CA ASP A 175 3.29 -16.64 7.40
C ASP A 175 4.75 -16.80 7.00
N SER A 176 5.46 -17.64 7.71
CA SER A 176 6.90 -17.87 7.41
C SER A 176 7.15 -18.63 6.14
N THR A 177 6.12 -19.16 5.46
CA THR A 177 6.43 -19.84 4.18
C THR A 177 6.75 -18.78 3.14
N LYS A 178 6.34 -17.54 3.37
CA LYS A 178 6.55 -16.44 2.42
C LYS A 178 7.90 -15.73 2.48
N PHE A 179 8.75 -16.08 3.44
CA PHE A 179 10.06 -15.36 3.48
C PHE A 179 11.18 -16.33 3.82
N LYS A 180 12.40 -15.87 3.61
CA LYS A 180 13.54 -16.76 3.94
C LYS A 180 14.40 -16.12 5.02
N GLY A 181 14.97 -17.01 5.84
CA GLY A 181 15.83 -16.58 6.94
C GLY A 181 15.06 -16.00 8.10
N SER A 182 15.75 -15.17 8.85
CA SER A 182 15.26 -14.48 10.03
C SER A 182 14.69 -13.09 9.73
N LEU A 183 13.65 -12.73 10.45
CA LEU A 183 13.07 -11.40 10.32
C LEU A 183 14.00 -10.41 11.02
N THR A 184 14.13 -9.23 10.51
CA THR A 184 14.93 -8.17 11.12
C THR A 184 13.94 -7.15 11.68
N THR A 185 14.09 -6.78 12.94
CA THR A 185 13.21 -5.79 13.55
C THR A 185 13.71 -4.38 13.23
N VAL A 186 12.80 -3.52 12.82
CA VAL A 186 13.17 -2.15 12.48
C VAL A 186 12.17 -1.22 13.17
N PRO A 187 12.67 -0.27 13.91
CA PRO A 187 11.82 0.69 14.62
C PRO A 187 11.15 1.60 13.60
N ILE A 188 9.92 1.97 13.93
CA ILE A 188 9.09 2.84 13.11
C ILE A 188 8.91 4.21 13.75
N ASP A 189 8.93 5.25 12.94
CA ASP A 189 8.68 6.63 13.36
C ASP A 189 7.25 6.91 12.87
N ASN A 190 6.27 6.99 13.73
CA ASN A 190 4.89 7.27 13.24
C ASN A 190 4.53 8.71 13.52
N SER A 191 5.54 9.54 13.73
CA SER A 191 5.22 10.96 14.04
C SER A 191 4.43 11.66 12.95
N ARG A 192 4.45 11.26 11.68
CA ARG A 192 3.65 11.93 10.65
C ARG A 192 2.44 11.10 10.22
N GLY A 193 2.17 10.07 11.00
CA GLY A 193 1.06 9.16 10.75
C GLY A 193 1.35 8.06 9.75
N TRP A 194 2.59 7.97 9.29
CA TRP A 194 2.96 6.94 8.31
C TRP A 194 3.90 5.90 8.93
N TRP A 195 4.19 4.84 8.18
CA TRP A 195 5.15 3.81 8.67
C TRP A 195 6.55 4.27 8.21
N GLY A 196 7.14 5.18 8.94
CA GLY A 196 8.45 5.76 8.59
C GLY A 196 9.62 4.97 9.12
N ILE A 197 10.61 4.79 8.26
CA ILE A 197 11.82 4.03 8.62
C ILE A 197 13.03 4.83 8.10
N THR A 198 14.17 4.39 8.59
CA THR A 198 15.45 4.98 8.15
C THR A 198 16.21 3.88 7.41
N VAL A 199 16.68 4.20 6.23
CA VAL A 199 17.49 3.28 5.41
C VAL A 199 18.94 3.76 5.67
N ASP A 200 19.81 2.88 6.09
CA ASP A 200 21.20 3.26 6.40
C ASP A 200 21.99 3.67 5.17
N ARG A 201 21.79 2.96 4.07
CA ARG A 201 22.54 3.30 2.83
C ARG A 201 21.98 2.45 1.68
N ALA A 202 22.34 2.81 0.48
CA ALA A 202 21.91 2.11 -0.73
C ALA A 202 23.17 1.98 -1.62
N THR A 203 23.33 0.76 -2.09
CA THR A 203 24.46 0.41 -2.95
C THR A 203 24.01 -0.35 -4.19
N VAL A 204 24.78 -0.20 -5.24
CA VAL A 204 24.60 -0.87 -6.54
C VAL A 204 26.01 -1.45 -6.77
N GLY A 205 26.18 -2.74 -6.63
CA GLY A 205 27.56 -3.28 -6.79
C GLY A 205 28.40 -2.70 -5.63
N THR A 206 29.58 -2.19 -5.94
CA THR A 206 30.49 -1.60 -4.94
C THR A 206 30.22 -0.12 -4.69
N SER A 207 29.38 0.50 -5.48
CA SER A 207 29.08 1.93 -5.33
C SER A 207 28.00 2.32 -4.33
N THR A 208 28.33 3.23 -3.42
CA THR A 208 27.35 3.72 -2.44
C THR A 208 26.59 4.82 -3.15
N VAL A 209 25.38 4.54 -3.61
CA VAL A 209 24.57 5.54 -4.33
C VAL A 209 23.86 6.48 -3.38
N ALA A 210 23.68 6.05 -2.13
CA ALA A 210 23.02 6.96 -1.19
C ALA A 210 23.44 6.61 0.24
N SER A 211 23.45 7.65 1.05
CA SER A 211 23.76 7.50 2.48
C SER A 211 22.38 7.38 3.18
N SER A 212 22.32 7.46 4.49
CA SER A 212 21.03 7.29 5.18
C SER A 212 19.99 8.32 4.76
N PHE A 213 18.77 7.83 4.66
CA PHE A 213 17.61 8.64 4.25
C PHE A 213 16.37 8.02 4.93
N ASP A 214 15.36 8.84 5.08
CA ASP A 214 14.12 8.35 5.68
C ASP A 214 13.15 8.01 4.54
N GLY A 215 12.23 7.12 4.87
CA GLY A 215 11.23 6.75 3.85
C GLY A 215 9.98 6.23 4.57
N ILE A 216 8.90 6.06 3.82
CA ILE A 216 7.66 5.54 4.40
C ILE A 216 7.28 4.25 3.64
N LEU A 217 6.81 3.28 4.38
CA LEU A 217 6.40 2.00 3.74
C LEU A 217 4.98 2.24 3.21
N ASP A 218 4.82 2.31 1.91
CA ASP A 218 3.49 2.60 1.35
C ASP A 218 3.05 1.55 0.33
N THR A 219 2.18 0.65 0.77
CA THR A 219 1.66 -0.39 -0.13
C THR A 219 0.81 0.22 -1.22
N GLY A 220 0.27 1.39 -1.02
CA GLY A 220 -0.60 2.09 -1.96
C GLY A 220 0.15 2.87 -3.03
N THR A 221 1.46 2.80 -3.11
CA THR A 221 2.29 3.47 -4.10
C THR A 221 2.98 2.36 -4.92
N THR A 222 2.84 2.49 -6.24
CA THR A 222 3.43 1.50 -7.13
C THR A 222 4.95 1.45 -7.15
N LEU A 223 5.61 2.58 -7.30
CA LEU A 223 7.06 2.63 -7.41
C LEU A 223 7.80 2.95 -6.11
N LEU A 224 9.12 2.95 -6.30
CA LEU A 224 10.08 3.33 -5.25
C LEU A 224 10.37 4.79 -5.64
N ILE A 225 9.84 5.77 -4.94
CA ILE A 225 10.05 7.20 -5.26
C ILE A 225 11.11 7.77 -4.32
N LEU A 226 12.18 8.28 -4.91
CA LEU A 226 13.29 8.81 -4.12
C LEU A 226 13.48 10.31 -4.26
N PRO A 227 14.02 10.96 -3.24
CA PRO A 227 14.32 12.39 -3.29
C PRO A 227 15.20 12.61 -4.52
N ASN A 228 15.11 13.75 -5.17
CA ASN A 228 15.84 14.08 -6.39
C ASN A 228 17.31 13.65 -6.45
N ASN A 229 18.12 14.05 -5.50
CA ASN A 229 19.56 13.71 -5.58
C ASN A 229 19.81 12.20 -5.53
N ILE A 230 19.08 11.52 -4.67
CA ILE A 230 19.23 10.07 -4.52
C ILE A 230 18.77 9.38 -5.80
N ALA A 231 17.64 9.83 -6.36
CA ALA A 231 17.13 9.21 -7.59
C ALA A 231 18.17 9.37 -8.71
N ALA A 232 18.73 10.56 -8.83
CA ALA A 232 19.73 10.80 -9.89
C ALA A 232 20.94 9.89 -9.74
N SER A 233 21.35 9.69 -8.51
CA SER A 233 22.53 8.85 -8.16
C SER A 233 22.29 7.40 -8.58
N VAL A 234 21.07 6.91 -8.30
CA VAL A 234 20.65 5.58 -8.67
C VAL A 234 20.55 5.47 -10.19
N ALA A 235 19.93 6.43 -10.81
CA ALA A 235 19.76 6.45 -12.28
C ALA A 235 21.12 6.38 -12.96
N ARG A 236 22.12 7.08 -12.47
CA ARG A 236 23.47 7.06 -13.06
C ARG A 236 24.08 5.67 -12.98
N ALA A 237 23.80 4.94 -11.92
CA ALA A 237 24.34 3.59 -11.74
C ALA A 237 23.78 2.65 -12.81
N TYR A 238 22.58 2.84 -13.31
CA TYR A 238 21.96 1.96 -14.29
C TYR A 238 21.86 2.55 -15.69
N GLY A 239 22.39 3.73 -15.88
CA GLY A 239 22.30 4.35 -17.21
C GLY A 239 20.85 4.70 -17.54
N ALA A 240 19.99 4.96 -16.56
CA ALA A 240 18.59 5.30 -16.84
C ALA A 240 18.49 6.75 -17.29
N SER A 241 17.48 7.07 -18.10
CA SER A 241 17.39 8.49 -18.56
C SER A 241 16.09 9.08 -18.04
N ASP A 242 16.19 10.32 -17.63
CA ASP A 242 15.05 11.08 -17.06
C ASP A 242 14.00 11.46 -18.08
N ASN A 243 12.76 11.04 -17.88
CA ASN A 243 11.64 11.37 -18.77
C ASN A 243 11.06 12.76 -18.46
N GLY A 244 11.59 13.42 -17.45
CA GLY A 244 11.16 14.74 -17.03
C GLY A 244 9.82 14.73 -16.35
N ASP A 245 9.22 13.57 -16.09
CA ASP A 245 7.92 13.54 -15.41
C ASP A 245 7.98 12.77 -14.09
N GLY A 246 9.17 12.56 -13.55
CA GLY A 246 9.20 11.82 -12.27
C GLY A 246 9.56 10.36 -12.56
N THR A 247 9.66 10.03 -13.85
CA THR A 247 10.00 8.67 -14.21
C THR A 247 11.27 8.63 -15.07
N TYR A 248 11.83 7.44 -15.18
CA TYR A 248 13.03 7.18 -15.96
C TYR A 248 12.75 6.07 -16.99
N THR A 249 13.56 6.16 -18.02
CA THR A 249 13.52 5.17 -19.12
C THR A 249 14.76 4.33 -18.83
N ILE A 250 14.60 3.04 -18.79
CA ILE A 250 15.73 2.14 -18.49
C ILE A 250 15.76 1.05 -19.53
N SER A 251 16.89 0.41 -19.63
CA SER A 251 17.03 -0.71 -20.59
C SER A 251 16.05 -1.81 -20.19
N CYS A 252 15.35 -2.39 -21.16
CA CYS A 252 14.39 -3.47 -20.89
C CYS A 252 15.12 -4.74 -20.51
N ASP A 253 16.39 -4.79 -20.86
CA ASP A 253 17.23 -5.95 -20.57
C ASP A 253 17.93 -5.79 -19.22
N THR A 254 17.37 -6.42 -18.21
CA THR A 254 17.88 -6.33 -16.84
C THR A 254 18.86 -7.41 -16.43
N SER A 255 19.14 -8.28 -17.38
CA SER A 255 20.06 -9.41 -17.15
C SER A 255 21.45 -8.91 -16.72
N ALA A 256 21.83 -7.72 -17.15
CA ALA A 256 23.15 -7.16 -16.79
C ALA A 256 23.17 -6.29 -15.54
N PHE A 257 22.01 -5.99 -14.99
CA PHE A 257 21.99 -5.10 -13.81
C PHE A 257 22.22 -5.81 -12.49
N LYS A 258 22.85 -5.07 -11.59
CA LYS A 258 23.06 -5.59 -10.22
C LYS A 258 21.85 -5.09 -9.42
N PRO A 259 21.49 -5.80 -8.38
CA PRO A 259 20.37 -5.41 -7.53
C PRO A 259 20.62 -4.10 -6.79
N LEU A 260 19.56 -3.38 -6.45
CA LEU A 260 19.64 -2.12 -5.69
C LEU A 260 19.53 -2.63 -4.25
N VAL A 261 20.56 -2.53 -3.46
CA VAL A 261 20.53 -3.07 -2.09
C VAL A 261 20.39 -1.97 -1.03
N PHE A 262 19.46 -2.16 -0.12
CA PHE A 262 19.23 -1.21 0.98
C PHE A 262 19.80 -1.83 2.26
N SER A 263 20.50 -1.09 3.07
CA SER A 263 21.03 -1.62 4.33
C SER A 263 20.07 -1.03 5.35
N ILE A 264 19.32 -1.84 6.07
CA ILE A 264 18.31 -1.34 7.02
C ILE A 264 18.57 -2.06 8.34
N ASN A 265 18.84 -1.26 9.35
CA ASN A 265 19.09 -1.79 10.69
C ASN A 265 20.09 -2.93 10.63
N GLY A 266 21.12 -2.84 9.83
CA GLY A 266 22.14 -3.89 9.75
C GLY A 266 21.95 -5.08 8.86
N ALA A 267 20.87 -5.11 8.09
CA ALA A 267 20.63 -6.25 7.19
C ALA A 267 20.45 -5.70 5.79
N SER A 268 20.60 -6.54 4.80
CA SER A 268 20.46 -6.22 3.39
C SER A 268 19.09 -6.63 2.83
N PHE A 269 18.46 -5.72 2.13
CA PHE A 269 17.14 -5.92 1.51
C PHE A 269 17.30 -5.42 0.08
N GLN A 270 16.78 -6.14 -0.88
CA GLN A 270 17.01 -5.58 -2.22
C GLN A 270 15.77 -5.48 -3.11
N VAL A 271 16.02 -4.74 -4.16
CA VAL A 271 15.11 -4.53 -5.28
C VAL A 271 15.83 -5.40 -6.33
N SER A 272 15.30 -6.55 -6.68
CA SER A 272 15.93 -7.47 -7.63
C SER A 272 15.97 -6.87 -9.02
N PRO A 273 16.93 -7.31 -9.84
CA PRO A 273 17.07 -6.79 -11.21
C PRO A 273 15.75 -6.72 -11.98
N ASP A 274 14.94 -7.76 -11.94
CA ASP A 274 13.65 -7.79 -12.64
C ASP A 274 12.73 -6.65 -12.17
N SER A 275 12.79 -6.27 -10.91
CA SER A 275 11.94 -5.20 -10.36
C SER A 275 12.37 -3.79 -10.75
N LEU A 276 13.52 -3.67 -11.38
CA LEU A 276 14.06 -2.38 -11.85
C LEU A 276 13.23 -1.89 -13.03
N VAL A 277 12.52 -2.80 -13.68
CA VAL A 277 11.64 -2.46 -14.80
C VAL A 277 10.19 -2.56 -14.29
N PHE A 278 9.46 -1.48 -14.41
CA PHE A 278 8.06 -1.45 -13.99
C PHE A 278 7.14 -1.97 -15.11
N GLU A 279 7.26 -1.30 -16.23
CA GLU A 279 6.42 -1.63 -17.39
C GLU A 279 7.16 -1.43 -18.72
N GLU A 280 6.70 -2.16 -19.69
CA GLU A 280 7.27 -2.12 -21.05
C GLU A 280 6.14 -1.71 -21.97
N PHE A 281 6.34 -0.67 -22.74
CA PHE A 281 5.32 -0.20 -23.67
C PHE A 281 5.97 0.01 -25.04
N GLN A 282 5.54 -0.77 -26.02
CA GLN A 282 6.06 -0.68 -27.38
C GLN A 282 7.59 -0.55 -27.39
N GLY A 283 8.20 -1.48 -26.67
CA GLY A 283 9.62 -1.63 -26.51
C GLY A 283 10.42 -0.64 -25.72
N GLN A 284 9.80 0.22 -24.97
CA GLN A 284 10.45 1.23 -24.10
C GLN A 284 10.10 0.80 -22.67
N CYS A 285 11.09 0.73 -21.77
CA CYS A 285 10.79 0.32 -20.39
C CYS A 285 10.88 1.47 -19.40
N ILE A 286 9.90 1.52 -18.51
CA ILE A 286 9.85 2.55 -17.45
C ILE A 286 10.47 1.94 -16.20
N ALA A 287 11.37 2.65 -15.54
CA ALA A 287 12.02 2.04 -14.35
C ALA A 287 11.07 1.94 -13.17
N GLY A 288 11.45 1.06 -12.26
CA GLY A 288 10.72 0.76 -11.03
C GLY A 288 10.97 1.81 -9.93
N PHE A 289 11.88 2.73 -10.22
CA PHE A 289 12.23 3.82 -9.28
C PHE A 289 11.93 5.13 -10.02
N GLY A 290 11.52 6.12 -9.27
CA GLY A 290 11.18 7.46 -9.80
C GLY A 290 11.67 8.52 -8.80
N TYR A 291 11.33 9.76 -9.07
CA TYR A 291 11.76 10.86 -8.18
C TYR A 291 10.55 11.74 -7.87
N GLY A 292 10.68 12.40 -6.75
CA GLY A 292 9.62 13.31 -6.27
C GLY A 292 10.37 14.44 -5.53
N ASN A 293 9.63 15.51 -5.32
CA ASN A 293 10.28 16.62 -4.61
C ASN A 293 10.14 16.53 -3.10
N TRP A 294 10.23 15.36 -2.47
CA TRP A 294 10.14 15.29 -1.01
C TRP A 294 11.57 14.94 -0.52
N GLY A 295 11.76 15.21 0.75
CA GLY A 295 13.06 14.94 1.39
C GLY A 295 13.10 13.50 1.89
N PHE A 296 12.00 12.78 1.80
CA PHE A 296 11.93 11.37 2.25
C PHE A 296 11.51 10.53 1.06
N ALA A 297 11.82 9.26 1.08
CA ALA A 297 11.44 8.35 0.00
C ALA A 297 10.06 7.72 0.24
N ILE A 298 9.40 7.34 -0.85
CA ILE A 298 8.10 6.63 -0.70
C ILE A 298 8.48 5.20 -1.11
N ILE A 299 8.54 4.32 -0.14
CA ILE A 299 8.95 2.93 -0.39
C ILE A 299 7.72 2.10 -0.70
N GLY A 300 7.41 2.08 -1.99
CA GLY A 300 6.28 1.41 -2.59
C GLY A 300 6.43 -0.02 -3.01
N ASP A 301 5.48 -0.47 -3.82
CA ASP A 301 5.44 -1.88 -4.29
C ASP A 301 6.71 -2.41 -4.92
N THR A 302 7.48 -1.61 -5.63
CA THR A 302 8.74 -2.07 -6.23
C THR A 302 9.59 -2.75 -5.17
N PHE A 303 9.64 -2.14 -4.01
CA PHE A 303 10.41 -2.68 -2.89
C PHE A 303 9.60 -3.74 -2.14
N LEU A 304 8.34 -3.45 -1.83
CA LEU A 304 7.56 -4.42 -1.05
C LEU A 304 7.34 -5.76 -1.72
N LYS A 305 7.28 -5.83 -3.02
CA LYS A 305 7.06 -7.16 -3.67
C LYS A 305 8.30 -8.03 -3.59
N ASN A 306 9.41 -7.54 -3.07
CA ASN A 306 10.67 -8.27 -2.89
C ASN A 306 10.95 -8.60 -1.42
N ASN A 307 10.20 -7.99 -0.51
CA ASN A 307 10.43 -8.14 0.93
C ASN A 307 9.15 -8.30 1.76
N TYR A 308 9.06 -9.37 2.52
CA TYR A 308 7.88 -9.60 3.39
C TYR A 308 7.95 -8.64 4.58
N VAL A 309 6.83 -8.07 4.97
CA VAL A 309 6.86 -7.15 6.10
C VAL A 309 5.75 -7.51 7.11
N VAL A 310 6.13 -7.52 8.38
CA VAL A 310 5.17 -7.71 9.47
C VAL A 310 5.02 -6.31 10.07
N PHE A 311 3.88 -5.71 10.01
CA PHE A 311 3.60 -4.36 10.53
C PHE A 311 3.06 -4.49 11.96
N ASN A 312 3.69 -3.82 12.90
CA ASN A 312 3.23 -3.91 14.31
C ASN A 312 2.83 -2.48 14.71
N GLN A 313 1.55 -2.24 14.83
CA GLN A 313 1.01 -0.93 15.19
C GLN A 313 1.21 -0.60 16.67
N GLY A 314 1.31 -1.61 17.49
CA GLY A 314 1.49 -1.45 18.91
C GLY A 314 2.79 -0.84 19.38
N VAL A 315 3.93 -1.25 18.84
CA VAL A 315 5.23 -0.71 19.31
C VAL A 315 5.44 0.76 19.05
N PRO A 316 5.46 1.28 17.84
CA PRO A 316 5.31 0.54 16.58
C PRO A 316 6.64 0.08 16.00
N GLU A 317 6.64 -0.92 15.15
CA GLU A 317 7.88 -1.42 14.53
C GLU A 317 7.50 -2.29 13.35
N VAL A 318 8.46 -2.72 12.57
CA VAL A 318 8.17 -3.63 11.46
C VAL A 318 9.22 -4.75 11.54
N GLN A 319 8.93 -5.87 10.95
CA GLN A 319 9.89 -7.02 10.90
C GLN A 319 9.97 -7.29 9.39
N ILE A 320 11.14 -7.37 8.79
CA ILE A 320 11.26 -7.55 7.35
C ILE A 320 12.20 -8.71 7.04
N ALA A 321 11.92 -9.39 5.96
CA ALA A 321 12.79 -10.48 5.50
C ALA A 321 12.59 -10.56 3.98
N PRO A 322 13.59 -11.02 3.27
CA PRO A 322 13.51 -11.19 1.81
C PRO A 322 12.41 -12.18 1.44
N VAL A 323 11.66 -11.99 0.37
CA VAL A 323 10.62 -12.94 0.01
C VAL A 323 11.27 -14.28 -0.43
N ALA A 324 10.51 -15.31 -0.16
CA ALA A 324 10.88 -16.68 -0.49
C ALA A 324 10.47 -16.74 -1.95
N GLU A 325 11.41 -17.04 -2.80
CA GLU A 325 11.00 -17.10 -4.23
C GLU A 325 12.17 -17.86 -4.89
N PRO B 2 1.01 4.42 -12.68
CA PRO B 2 1.26 4.05 -11.28
C PRO B 2 0.34 4.86 -10.36
N PHE B 3 0.21 4.40 -9.12
CA PHE B 3 -0.62 5.08 -8.12
C PHE B 3 0.28 5.59 -7.01
N HIS B 4 -0.22 6.58 -6.30
CA HIS B 4 0.56 7.17 -5.18
C HIS B 4 -0.34 7.49 -3.99
N VAL B 6 -1.30 9.65 1.66
CA VAL B 6 -2.14 10.85 1.82
C VAL B 6 -1.19 11.91 2.44
N TYR B 7 -1.41 13.16 2.16
#